data_2HJL
#
_entry.id   2HJL
#
_cell.length_a   50.428
_cell.length_b   81.610
_cell.length_c   109.084
_cell.angle_alpha   90.000
_cell.angle_beta   90.000
_cell.angle_gamma   90.000
#
_symmetry.space_group_name_H-M   'P 21 21 21'
#
loop_
_entity.id
_entity.type
_entity.pdbx_description
1 polymer 'HLA class I histocompatibility antigen B-57'
2 polymer Beta-2-microglobulin
3 polymer 'Gag protein'
4 water water
#
loop_
_entity_poly.entity_id
_entity_poly.type
_entity_poly.pdbx_seq_one_letter_code
_entity_poly.pdbx_strand_id
1 'polypeptide(L)'
;GSHSMRYFYTAMSRPGRGEPRFIAVGYVDDTQFVRFDSDAASPRMAPRAPWIEQEGPEYWDGETRNMKASAQTYRENLRI
ALRYYNQSEAGSHIIQVMYGCDVGPDGRLLRGHDQSAYDGKDYIALNEDLSSWTAADTAAQIIQRKWEAARVAEQLRAYL
EGLCVEWLRRYLENGKETLQRADPPKTHVTHHPISDHEATLRCWALGFYPAEITLTWQRDGEDQTQDTELVETRPAGDRT
FQKWAAVVVPSGEEQRYTCHVQHEGLPKPLTLRW
;
A
2 'polypeptide(L)'
;IQRTPKIQVYSRHPAENGKSNFLNCYVSGFHPSDIEVDLLKNGERIEKVEHSDLSFSKDWSFYLLYYTEFTPTEKDEYAC
RVNHVTLSQPKIVKWDRDM
;
B
3 'polypeptide(L)' KAFNPEIIPMF C
#
# COMPACT_ATOMS: atom_id res chain seq x y z
N GLY A 1 -12.22 -16.07 -1.61
CA GLY A 1 -11.87 -15.82 -0.18
C GLY A 1 -12.15 -14.42 0.31
N SER A 2 -12.85 -14.30 1.43
CA SER A 2 -13.39 -12.99 1.71
C SER A 2 -12.56 -12.01 2.55
N HIS A 3 -11.61 -12.45 3.39
CA HIS A 3 -10.78 -11.49 4.15
C HIS A 3 -9.31 -11.87 4.33
N SER A 4 -8.46 -10.87 4.54
CA SER A 4 -7.03 -11.10 4.77
C SER A 4 -6.53 -10.33 5.97
N MET A 5 -5.48 -10.87 6.58
CA MET A 5 -4.68 -10.07 7.51
C MET A 5 -3.23 -10.11 7.01
N ARG A 6 -2.55 -8.96 7.03
CA ARG A 6 -1.16 -8.91 6.58
C ARG A 6 -0.35 -8.03 7.50
N TYR A 7 0.88 -8.49 7.79
CA TYR A 7 1.91 -7.65 8.40
C TYR A 7 3.00 -7.39 7.38
N PHE A 8 3.48 -6.15 7.37
CA PHE A 8 4.54 -5.70 6.48
C PHE A 8 5.66 -5.11 7.31
N TYR A 9 6.86 -5.64 7.19
CA TYR A 9 8.01 -5.06 7.89
C TYR A 9 9.00 -4.50 6.88
N THR A 10 9.61 -3.37 7.22
CA THR A 10 10.69 -2.81 6.40
C THR A 10 11.84 -2.48 7.33
N ALA A 11 13.01 -3.02 7.00
CA ALA A 11 14.23 -2.75 7.77
C ALA A 11 15.24 -2.10 6.84
N MET A 12 15.69 -0.90 7.21
CA MET A 12 16.48 -0.05 6.29
C MET A 12 17.81 0.36 6.92
N SER A 13 18.93 -0.17 6.43
CA SER A 13 20.23 0.29 6.96
C SER A 13 20.60 1.68 6.44
N ARG A 14 21.46 2.36 7.19
CA ARG A 14 21.85 3.73 6.85
C ARG A 14 23.21 4.00 7.50
N PRO A 15 24.28 3.36 6.99
CA PRO A 15 25.58 3.51 7.69
C PRO A 15 25.99 4.98 7.89
N GLY A 16 26.42 5.27 9.10
CA GLY A 16 26.80 6.64 9.44
C GLY A 16 25.66 7.44 10.06
N ARG A 17 24.46 6.87 10.01
CA ARG A 17 23.25 7.53 10.49
C ARG A 17 22.47 6.65 11.47
N GLY A 18 23.23 5.94 12.32
CA GLY A 18 22.65 5.07 13.34
C GLY A 18 22.30 3.69 12.86
N GLU A 19 21.56 3.00 13.71
CA GLU A 19 21.16 1.62 13.46
C GLU A 19 20.02 1.57 12.43
N PRO A 20 19.87 0.43 11.74
CA PRO A 20 18.81 0.36 10.71
C PRO A 20 17.39 0.64 11.26
N ARG A 21 16.61 1.43 10.54
CA ARG A 21 15.25 1.72 10.95
C ARG A 21 14.39 0.48 10.69
N PHE A 22 13.45 0.22 11.59
CA PHE A 22 12.47 -0.86 11.43
C PHE A 22 11.07 -0.28 11.55
N ILE A 23 10.27 -0.43 10.50
CA ILE A 23 8.87 0.00 10.47
C ILE A 23 8.00 -1.22 10.21
N ALA A 24 6.99 -1.40 11.05
CA ALA A 24 5.98 -2.44 10.80
C ALA A 24 4.59 -1.82 10.72
N VAL A 25 3.80 -2.33 9.77
CA VAL A 25 2.37 -2.00 9.71
C VAL A 25 1.55 -3.28 9.59
N GLY A 26 0.34 -3.26 10.16
CA GLY A 26 -0.58 -4.37 10.02
C GLY A 26 -1.86 -3.91 9.36
N TYR A 27 -2.44 -4.80 8.53
CA TYR A 27 -3.67 -4.53 7.82
C TYR A 27 -4.65 -5.69 7.99
N VAL A 28 -5.93 -5.36 8.06
CA VAL A 28 -7.00 -6.32 7.73
C VAL A 28 -7.62 -5.79 6.44
N ASP A 29 -7.60 -6.62 5.40
CA ASP A 29 -8.04 -6.16 4.09
C ASP A 29 -7.30 -4.86 3.74
N ASP A 30 -8.01 -3.79 3.36
CA ASP A 30 -7.36 -2.53 3.01
C ASP A 30 -7.39 -1.49 4.13
N THR A 31 -7.48 -1.99 5.37
CA THR A 31 -7.58 -1.13 6.54
C THR A 31 -6.36 -1.33 7.43
N GLN A 32 -5.54 -0.29 7.56
CA GLN A 32 -4.40 -0.37 8.48
C GLN A 32 -4.92 -0.34 9.90
N PHE A 33 -4.33 -1.13 10.78
CA PHE A 33 -4.79 -1.11 12.18
C PHE A 33 -3.70 -0.96 13.23
N VAL A 34 -2.45 -1.21 12.86
CA VAL A 34 -1.34 -1.02 13.81
C VAL A 34 -0.12 -0.50 13.07
N ARG A 35 0.75 0.16 13.81
CA ARG A 35 2.07 0.51 13.31
C ARG A 35 3.10 0.47 14.43
N PHE A 36 4.37 0.37 14.01
CA PHE A 36 5.52 0.46 14.90
C PHE A 36 6.64 1.13 14.13
N ASP A 37 7.35 2.05 14.76
CA ASP A 37 8.48 2.75 14.11
C ASP A 37 9.62 2.86 15.10
N SER A 38 10.74 2.21 14.83
CA SER A 38 11.88 2.24 15.77
C SER A 38 12.47 3.62 15.95
N ASP A 39 12.15 4.56 15.05
CA ASP A 39 12.64 5.94 15.18
C ASP A 39 11.75 6.87 16.03
N ALA A 40 10.54 6.42 16.35
CA ALA A 40 9.61 7.25 17.11
C ALA A 40 10.24 7.61 18.43
N ALA A 41 9.80 8.73 19.00
CA ALA A 41 10.29 9.17 20.30
C ALA A 41 10.23 8.02 21.31
N SER A 42 9.09 7.33 21.37
CA SER A 42 8.88 6.20 22.28
C SER A 42 8.27 5.01 21.51
N PRO A 43 9.12 4.13 20.91
CA PRO A 43 8.52 3.13 20.00
C PRO A 43 7.62 2.11 20.70
N ARG A 44 6.39 2.01 20.20
CA ARG A 44 5.45 1.01 20.69
C ARG A 44 4.62 0.58 19.51
N MET A 45 4.04 -0.61 19.56
CA MET A 45 2.95 -0.94 18.64
C MET A 45 1.77 -0.05 19.02
N ALA A 46 1.26 0.68 18.03
CA ALA A 46 0.29 1.73 18.26
C ALA A 46 -0.94 1.54 17.37
N PRO A 47 -2.16 1.82 17.89
CA PRO A 47 -3.40 1.65 17.10
C PRO A 47 -3.53 2.63 15.95
N ARG A 48 -4.11 2.14 14.84
CA ARG A 48 -4.42 3.00 13.71
C ARG A 48 -5.87 2.80 13.23
N ALA A 49 -6.64 1.99 13.95
CA ALA A 49 -8.08 1.84 13.65
C ALA A 49 -8.85 1.78 14.97
N PRO A 50 -10.07 2.33 15.02
CA PRO A 50 -10.74 2.40 16.34
C PRO A 50 -11.03 1.05 16.98
N TRP A 51 -11.28 0.04 16.18
CA TRP A 51 -11.72 -1.27 16.71
C TRP A 51 -10.60 -2.08 17.38
N ILE A 52 -9.37 -1.65 17.20
CA ILE A 52 -8.23 -2.30 17.88
C ILE A 52 -7.96 -1.68 19.25
N GLU A 53 -8.47 -0.47 19.46
CA GLU A 53 -8.19 0.31 20.68
C GLU A 53 -8.65 -0.41 21.95
N GLN A 54 -9.68 -1.24 21.83
CA GLN A 54 -10.22 -1.97 22.96
C GLN A 54 -9.31 -3.08 23.50
N GLU A 55 -8.33 -3.51 22.69
CA GLU A 55 -7.39 -4.52 23.19
C GLU A 55 -6.67 -3.97 24.42
N GLY A 56 -6.46 -4.85 25.41
CA GLY A 56 -5.92 -4.43 26.70
C GLY A 56 -4.41 -4.25 26.71
N PRO A 57 -3.86 -3.80 27.85
CA PRO A 57 -2.42 -3.63 28.05
C PRO A 57 -1.57 -4.87 27.70
N GLU A 58 -2.06 -6.08 28.00
CA GLU A 58 -1.32 -7.32 27.69
C GLU A 58 -1.07 -7.42 26.17
N TYR A 59 -2.10 -7.11 25.39
CA TYR A 59 -1.97 -7.10 23.93
C TYR A 59 -0.88 -6.13 23.48
N TRP A 60 -1.00 -4.87 23.89
CA TRP A 60 -0.08 -3.83 23.43
C TRP A 60 1.37 -4.04 23.87
N ASP A 61 1.54 -4.44 25.12
CA ASP A 61 2.88 -4.75 25.61
C ASP A 61 3.51 -5.92 24.86
N GLY A 62 2.72 -6.97 24.61
CA GLY A 62 3.20 -8.16 23.88
C GLY A 62 3.56 -7.82 22.44
N GLU A 63 2.71 -7.05 21.78
CA GLU A 63 3.01 -6.62 20.40
C GLU A 63 4.27 -5.73 20.33
N THR A 64 4.43 -4.83 21.31
CA THR A 64 5.60 -3.96 21.39
C THR A 64 6.88 -4.78 21.62
N ARG A 65 6.83 -5.69 22.58
CA ARG A 65 7.95 -6.59 22.84
C ARG A 65 8.38 -7.34 21.57
N ASN A 66 7.39 -7.86 20.84
CA ASN A 66 7.62 -8.61 19.59
C ASN A 66 8.29 -7.70 18.56
N MET A 67 7.75 -6.48 18.37
CA MET A 67 8.35 -5.55 17.39
C MET A 67 9.79 -5.18 17.71
N LYS A 68 10.07 -4.94 18.99
CA LYS A 68 11.43 -4.65 19.39
C LYS A 68 12.38 -5.81 19.13
N ALA A 69 11.93 -7.03 19.42
CA ALA A 69 12.75 -8.21 19.14
C ALA A 69 12.94 -8.40 17.63
N SER A 70 11.87 -8.15 16.88
CA SER A 70 11.91 -8.22 15.42
C SER A 70 12.90 -7.22 14.86
N ALA A 71 12.86 -5.97 15.35
CA ALA A 71 13.81 -4.96 14.88
C ALA A 71 15.25 -5.44 15.06
N GLN A 72 15.54 -6.02 16.22
CA GLN A 72 16.89 -6.56 16.47
C GLN A 72 17.25 -7.70 15.52
N THR A 73 16.33 -8.62 15.28
CA THR A 73 16.57 -9.73 14.36
C THR A 73 16.82 -9.24 12.93
N TYR A 74 16.01 -8.28 12.46
CA TYR A 74 16.21 -7.74 11.12
C TYR A 74 17.48 -6.91 10.96
N ARG A 75 17.95 -6.29 12.03
CA ARG A 75 19.28 -5.66 12.00
C ARG A 75 20.39 -6.70 11.79
N GLU A 76 20.25 -7.86 12.43
CA GLU A 76 21.19 -8.95 12.20
C GLU A 76 21.04 -9.52 10.79
N ASN A 77 19.82 -9.65 10.28
CA ASN A 77 19.63 -10.19 8.95
C ASN A 77 20.23 -9.25 7.90
N LEU A 78 20.22 -7.94 8.16
CA LEU A 78 20.85 -6.99 7.23
C LEU A 78 22.37 -7.22 7.19
N ARG A 79 22.97 -7.51 8.35
CA ARG A 79 24.41 -7.81 8.39
C ARG A 79 24.73 -9.14 7.69
N ILE A 80 23.86 -10.13 7.87
CA ILE A 80 24.04 -11.43 7.22
C ILE A 80 23.94 -11.30 5.71
N ALA A 81 22.95 -10.57 5.24
CA ALA A 81 22.76 -10.32 3.80
C ALA A 81 24.01 -9.69 3.17
N LEU A 82 24.70 -8.83 3.90
CA LEU A 82 25.96 -8.25 3.38
C LEU A 82 26.96 -9.34 3.04
N ARG A 83 27.12 -10.28 3.96
CA ARG A 83 28.02 -11.41 3.78
C ARG A 83 27.58 -12.30 2.60
N TYR A 84 26.27 -12.52 2.47
CA TYR A 84 25.73 -13.36 1.39
C TYR A 84 25.84 -12.76 0.00
N TYR A 85 26.00 -11.44 -0.09
CA TYR A 85 26.11 -10.76 -1.38
C TYR A 85 27.47 -10.10 -1.58
N ASN A 86 28.42 -10.37 -0.68
CA ASN A 86 29.78 -9.80 -0.77
C ASN A 86 29.76 -8.28 -0.80
N GLN A 87 28.87 -7.67 -0.02
CA GLN A 87 28.70 -6.22 -0.04
C GLN A 87 29.41 -5.58 1.15
N SER A 88 29.75 -4.31 1.02
CA SER A 88 30.45 -3.60 2.09
C SER A 88 29.49 -3.00 3.11
N GLU A 89 30.04 -2.64 4.27
CA GLU A 89 29.28 -2.02 5.34
C GLU A 89 28.96 -0.54 5.09
N ALA A 90 29.41 -0.01 3.95
CA ALA A 90 29.24 1.40 3.62
C ALA A 90 27.90 1.75 2.97
N GLY A 91 27.24 0.75 2.39
CA GLY A 91 26.03 1.01 1.58
C GLY A 91 24.75 0.83 2.37
N SER A 92 23.67 1.42 1.86
CA SER A 92 22.33 1.30 2.46
C SER A 92 21.54 0.20 1.77
N HIS A 93 20.91 -0.66 2.57
CA HIS A 93 20.15 -1.82 2.07
C HIS A 93 18.83 -1.95 2.80
N ILE A 94 17.91 -2.68 2.17
CA ILE A 94 16.57 -2.87 2.71
C ILE A 94 16.13 -4.33 2.69
N ILE A 95 15.62 -4.80 3.82
CA ILE A 95 14.89 -6.06 3.86
C ILE A 95 13.42 -5.76 4.08
N GLN A 96 12.57 -6.43 3.30
CA GLN A 96 11.13 -6.33 3.46
C GLN A 96 10.54 -7.70 3.67
N VAL A 97 9.50 -7.76 4.50
CA VAL A 97 8.79 -9.02 4.69
C VAL A 97 7.29 -8.74 4.70
N MET A 98 6.55 -9.70 4.14
CA MET A 98 5.09 -9.67 4.22
C MET A 98 4.64 -11.06 4.63
N TYR A 99 3.71 -11.12 5.58
CA TYR A 99 3.12 -12.42 5.91
C TYR A 99 1.69 -12.26 6.35
N GLY A 100 0.95 -13.38 6.38
CA GLY A 100 -0.41 -13.36 6.90
C GLY A 100 -1.29 -14.38 6.25
N CYS A 101 -2.60 -14.25 6.50
CA CYS A 101 -3.54 -15.28 6.14
C CYS A 101 -4.75 -14.73 5.40
N ASP A 102 -5.32 -15.54 4.54
CA ASP A 102 -6.59 -15.26 3.87
C ASP A 102 -7.62 -16.26 4.39
N VAL A 103 -8.83 -15.77 4.65
CA VAL A 103 -9.93 -16.64 5.11
C VAL A 103 -11.13 -16.47 4.19
N GLY A 104 -11.88 -17.55 4.02
CA GLY A 104 -13.12 -17.47 3.26
C GLY A 104 -14.28 -17.02 4.12
N PRO A 105 -15.47 -16.91 3.52
CA PRO A 105 -16.72 -16.52 4.18
C PRO A 105 -16.98 -17.26 5.51
N ASP A 106 -16.59 -18.53 5.58
CA ASP A 106 -16.80 -19.34 6.78
C ASP A 106 -15.65 -19.25 7.79
N GLY A 107 -14.68 -18.38 7.51
CA GLY A 107 -13.59 -18.10 8.43
C GLY A 107 -12.45 -19.10 8.46
N ARG A 108 -12.49 -20.11 7.58
CA ARG A 108 -11.42 -21.11 7.53
C ARG A 108 -10.29 -20.61 6.66
N LEU A 109 -9.06 -21.02 6.99
CA LEU A 109 -7.89 -20.66 6.18
C LEU A 109 -8.03 -21.03 4.70
N LEU A 110 -7.91 -20.03 3.83
CA LEU A 110 -7.85 -20.24 2.39
C LEU A 110 -6.41 -20.36 1.92
N ARG A 111 -5.55 -19.50 2.47
CA ARG A 111 -4.13 -19.62 2.18
C ARG A 111 -3.27 -18.73 3.06
N GLY A 112 -2.02 -19.15 3.21
CA GLY A 112 -1.03 -18.44 4.03
C GLY A 112 0.07 -17.87 3.17
N HIS A 113 0.72 -16.83 3.70
CA HIS A 113 1.78 -16.12 2.99
C HIS A 113 2.94 -15.79 3.91
N ASP A 114 4.18 -15.90 3.39
CA ASP A 114 5.35 -15.36 4.09
C ASP A 114 6.44 -15.19 3.07
N GLN A 115 6.73 -13.93 2.71
CA GLN A 115 7.65 -13.64 1.63
C GLN A 115 8.62 -12.56 2.06
N SER A 116 9.87 -12.68 1.61
CA SER A 116 10.94 -11.74 1.94
C SER A 116 11.55 -11.16 0.66
N ALA A 117 12.00 -9.91 0.74
CA ALA A 117 12.75 -9.25 -0.35
C ALA A 117 14.02 -8.62 0.22
N TYR A 118 15.05 -8.55 -0.61
CA TYR A 118 16.28 -7.81 -0.28
C TYR A 118 16.52 -6.80 -1.41
N ASP A 119 16.62 -5.53 -1.02
CA ASP A 119 16.81 -4.42 -1.96
C ASP A 119 15.72 -4.43 -3.03
N GLY A 120 14.51 -4.78 -2.61
CA GLY A 120 13.35 -4.69 -3.51
C GLY A 120 13.20 -5.85 -4.49
N LYS A 121 14.04 -6.88 -4.34
CA LYS A 121 14.00 -8.09 -5.17
C LYS A 121 13.59 -9.29 -4.33
N ASP A 122 12.77 -10.18 -4.88
CA ASP A 122 12.43 -11.41 -4.16
C ASP A 122 13.68 -12.09 -3.59
N TYR A 123 13.58 -12.54 -2.34
CA TYR A 123 14.67 -13.25 -1.68
C TYR A 123 14.28 -14.72 -1.43
N ILE A 124 13.30 -14.92 -0.55
CA ILE A 124 12.81 -16.27 -0.27
C ILE A 124 11.33 -16.17 0.06
N ALA A 125 10.58 -17.23 -0.25
CA ALA A 125 9.14 -17.25 -0.01
C ALA A 125 8.73 -18.62 0.50
N LEU A 126 7.86 -18.61 1.49
CA LEU A 126 7.15 -19.83 1.88
C LEU A 126 6.17 -20.20 0.79
N ASN A 127 6.24 -21.46 0.35
CA ASN A 127 5.33 -21.95 -0.67
C ASN A 127 3.92 -22.13 -0.10
N GLU A 128 2.95 -22.27 -1.01
CA GLU A 128 1.54 -22.34 -0.63
C GLU A 128 1.25 -23.55 0.26
N ASP A 129 2.10 -24.58 0.15
CA ASP A 129 2.00 -25.76 1.02
C ASP A 129 2.30 -25.47 2.51
N LEU A 130 2.83 -24.28 2.79
CA LEU A 130 3.26 -23.87 4.13
C LEU A 130 4.26 -24.87 4.72
N SER A 131 5.06 -25.48 3.83
CA SER A 131 5.97 -26.54 4.22
C SER A 131 7.33 -26.47 3.56
N SER A 132 7.39 -25.87 2.37
CA SER A 132 8.63 -25.75 1.63
C SER A 132 8.87 -24.29 1.23
N TRP A 133 10.06 -24.00 0.72
CA TRP A 133 10.53 -22.65 0.39
C TRP A 133 10.92 -22.54 -1.06
N THR A 134 10.75 -21.34 -1.64
CA THR A 134 11.33 -21.01 -2.93
C THR A 134 12.36 -19.91 -2.73
N ALA A 135 13.62 -20.20 -3.05
CA ALA A 135 14.71 -19.25 -2.92
C ALA A 135 14.97 -18.64 -4.28
N ALA A 136 15.15 -17.33 -4.32
CA ALA A 136 15.33 -16.59 -5.61
C ALA A 136 16.74 -16.66 -6.20
N ASP A 137 17.72 -16.94 -5.37
CA ASP A 137 19.11 -16.97 -5.78
C ASP A 137 19.95 -17.81 -4.83
N THR A 138 21.25 -17.91 -5.10
CA THR A 138 22.12 -18.77 -4.29
C THR A 138 22.30 -18.27 -2.85
N ALA A 139 22.14 -16.97 -2.61
CA ALA A 139 22.19 -16.44 -1.25
C ALA A 139 20.99 -16.95 -0.46
N ALA A 140 19.80 -16.75 -1.02
CA ALA A 140 18.59 -17.24 -0.37
C ALA A 140 18.58 -18.75 -0.20
N GLN A 141 19.28 -19.49 -1.05
CA GLN A 141 19.40 -20.95 -0.85
C GLN A 141 20.15 -21.29 0.44
N ILE A 142 21.09 -20.45 0.86
CA ILE A 142 21.78 -20.63 2.15
C ILE A 142 20.78 -20.51 3.29
N ILE A 143 19.94 -19.49 3.23
CA ILE A 143 18.87 -19.30 4.22
C ILE A 143 17.90 -20.49 4.16
N GLN A 144 17.55 -20.92 2.95
CA GLN A 144 16.64 -22.06 2.79
C GLN A 144 17.16 -23.30 3.53
N ARG A 145 18.45 -23.59 3.37
CA ARG A 145 19.03 -24.75 4.06
C ARG A 145 18.92 -24.60 5.57
N LYS A 146 19.21 -23.41 6.09
CA LYS A 146 19.11 -23.18 7.54
C LYS A 146 17.68 -23.39 8.02
N TRP A 147 16.72 -22.86 7.27
CA TRP A 147 15.32 -22.92 7.67
C TRP A 147 14.73 -24.30 7.52
N GLU A 148 15.21 -25.07 6.53
CA GLU A 148 14.85 -26.48 6.44
C GLU A 148 15.38 -27.26 7.66
N ALA A 149 16.64 -27.02 8.01
CA ALA A 149 17.28 -27.72 9.12
C ALA A 149 16.56 -27.45 10.43
N ALA A 150 16.10 -26.22 10.61
CA ALA A 150 15.49 -25.76 11.86
C ALA A 150 13.96 -25.88 11.87
N ARG A 151 13.40 -26.44 10.80
CA ARG A 151 11.96 -26.64 10.68
C ARG A 151 11.15 -25.34 10.88
N VAL A 152 11.64 -24.25 10.31
CA VAL A 152 10.98 -22.94 10.38
C VAL A 152 9.60 -22.93 9.73
N ALA A 153 9.44 -23.63 8.62
CA ALA A 153 8.15 -23.67 7.92
C ALA A 153 7.03 -24.18 8.85
N GLU A 154 7.35 -25.20 9.66
CA GLU A 154 6.36 -25.75 10.58
C GLU A 154 5.88 -24.69 11.59
N GLN A 155 6.79 -23.80 11.98
CA GLN A 155 6.44 -22.73 12.92
C GLN A 155 5.49 -21.73 12.28
N LEU A 156 5.80 -21.33 11.05
CA LEU A 156 4.94 -20.43 10.28
C LEU A 156 3.59 -21.06 10.04
N ARG A 157 3.58 -22.34 9.66
CA ARG A 157 2.34 -23.05 9.42
C ARG A 157 1.44 -23.04 10.67
N ALA A 158 2.01 -23.30 11.83
CA ALA A 158 1.26 -23.32 13.09
C ALA A 158 0.61 -21.97 13.36
N TYR A 159 1.35 -20.88 13.08
CA TYR A 159 0.83 -19.53 13.27
C TYR A 159 -0.28 -19.25 12.26
N LEU A 160 0.01 -19.52 10.99
CA LEU A 160 -0.90 -19.16 9.93
C LEU A 160 -2.23 -19.90 10.02
N GLU A 161 -2.18 -21.17 10.41
CA GLU A 161 -3.40 -22.00 10.53
C GLU A 161 -4.13 -21.77 11.84
N GLY A 162 -3.42 -21.20 12.82
CA GLY A 162 -3.94 -21.06 14.16
C GLY A 162 -4.19 -19.62 14.52
N LEU A 163 -3.23 -19.03 15.24
CA LEU A 163 -3.36 -17.66 15.77
C LEU A 163 -3.72 -16.63 14.70
N CYS A 164 -3.15 -16.74 13.51
CA CYS A 164 -3.41 -15.76 12.48
C CYS A 164 -4.90 -15.69 12.14
N VAL A 165 -5.49 -16.86 11.89
CA VAL A 165 -6.89 -16.94 11.49
C VAL A 165 -7.77 -16.60 12.70
N GLU A 166 -7.39 -17.02 13.89
CA GLU A 166 -8.20 -16.75 15.08
C GLU A 166 -8.28 -15.26 15.39
N TRP A 167 -7.14 -14.59 15.31
CA TRP A 167 -7.11 -13.15 15.56
C TRP A 167 -7.76 -12.35 14.43
N LEU A 168 -7.55 -12.77 13.18
CA LEU A 168 -8.28 -12.15 12.08
C LEU A 168 -9.80 -12.21 12.32
N ARG A 169 -10.30 -13.38 12.70
CA ARG A 169 -11.72 -13.55 12.95
C ARG A 169 -12.20 -12.62 14.07
N ARG A 170 -11.39 -12.48 15.12
CA ARG A 170 -11.70 -11.56 16.22
C ARG A 170 -11.80 -10.13 15.74
N TYR A 171 -10.82 -9.68 14.96
CA TYR A 171 -10.81 -8.31 14.46
C TYR A 171 -12.02 -8.06 13.56
N LEU A 172 -12.36 -9.06 12.75
CA LEU A 172 -13.49 -8.89 11.83
C LEU A 172 -14.79 -8.72 12.61
N GLU A 173 -14.90 -9.41 13.76
CA GLU A 173 -16.08 -9.23 14.60
C GLU A 173 -16.05 -7.86 15.28
N ASN A 174 -14.92 -7.51 15.91
CA ASN A 174 -14.83 -6.22 16.60
C ASN A 174 -14.99 -5.02 15.66
N GLY A 175 -14.52 -5.17 14.43
CA GLY A 175 -14.64 -4.13 13.42
C GLY A 175 -15.73 -4.37 12.40
N LYS A 176 -16.78 -5.12 12.78
CA LYS A 176 -17.81 -5.56 11.82
C LYS A 176 -18.49 -4.42 11.06
N GLU A 177 -18.63 -3.26 11.70
CA GLU A 177 -19.31 -2.11 11.09
C GLU A 177 -18.56 -1.52 9.90
N THR A 178 -17.25 -1.78 9.81
CA THR A 178 -16.42 -1.18 8.77
C THR A 178 -15.73 -2.27 7.96
N LEU A 179 -15.11 -3.23 8.64
CA LEU A 179 -14.39 -4.28 7.92
C LEU A 179 -15.30 -5.18 7.10
N GLN A 180 -16.55 -5.34 7.56
CA GLN A 180 -17.50 -6.20 6.87
C GLN A 180 -18.53 -5.35 6.13
N ARG A 181 -18.14 -4.13 5.76
CA ARG A 181 -19.00 -3.25 4.97
C ARG A 181 -18.27 -2.80 3.72
N ALA A 182 -18.85 -3.13 2.57
CA ALA A 182 -18.32 -2.65 1.30
C ALA A 182 -19.06 -1.39 0.96
N ASP A 183 -18.33 -0.35 0.55
CA ASP A 183 -18.91 0.90 0.07
C ASP A 183 -18.75 0.90 -1.45
N PRO A 184 -19.87 0.90 -2.17
CA PRO A 184 -19.77 0.88 -3.62
C PRO A 184 -19.26 2.22 -4.14
N PRO A 185 -18.67 2.22 -5.35
CA PRO A 185 -18.18 3.46 -5.92
C PRO A 185 -19.34 4.36 -6.36
N LYS A 186 -19.17 5.65 -6.16
CA LYS A 186 -19.99 6.68 -6.79
C LYS A 186 -19.32 6.94 -8.12
N THR A 187 -20.07 6.77 -9.19
CA THR A 187 -19.51 6.83 -10.55
C THR A 187 -20.12 7.93 -11.40
N HIS A 188 -19.30 8.44 -12.30
CA HIS A 188 -19.75 9.39 -13.33
C HIS A 188 -18.74 9.46 -14.45
N VAL A 189 -19.19 10.01 -15.58
CA VAL A 189 -18.32 10.23 -16.72
C VAL A 189 -18.23 11.71 -17.00
N THR A 190 -16.99 12.17 -17.18
CA THR A 190 -16.72 13.55 -17.56
C THR A 190 -16.14 13.59 -18.96
N HIS A 191 -16.30 14.73 -19.61
CA HIS A 191 -15.91 14.90 -21.01
C HIS A 191 -15.02 16.13 -21.11
N HIS A 192 -13.85 15.98 -21.72
CA HIS A 192 -12.88 17.06 -21.81
C HIS A 192 -12.40 17.16 -23.26
N PRO A 193 -12.95 18.12 -24.03
CA PRO A 193 -12.41 18.31 -25.38
C PRO A 193 -10.91 18.59 -25.36
N ILE A 194 -10.18 17.97 -26.27
CA ILE A 194 -8.77 18.27 -26.40
C ILE A 194 -8.49 19.05 -27.66
N SER A 195 -9.36 18.86 -28.65
CA SER A 195 -9.29 19.63 -29.90
C SER A 195 -10.67 19.55 -30.56
N ASP A 196 -10.81 20.12 -31.76
CA ASP A 196 -12.07 20.00 -32.49
C ASP A 196 -12.33 18.54 -32.90
N HIS A 197 -11.27 17.75 -32.96
CA HIS A 197 -11.30 16.42 -33.52
C HIS A 197 -11.39 15.28 -32.47
N GLU A 198 -11.01 15.57 -31.23
CA GLU A 198 -10.93 14.54 -30.18
C GLU A 198 -11.33 15.06 -28.82
N ALA A 199 -11.84 14.18 -27.97
CA ALA A 199 -12.17 14.53 -26.58
C ALA A 199 -11.77 13.37 -25.69
N THR A 200 -11.48 13.67 -24.42
CA THR A 200 -11.25 12.63 -23.42
C THR A 200 -12.55 12.30 -22.74
N LEU A 201 -12.88 11.03 -22.63
CA LEU A 201 -13.94 10.61 -21.70
C LEU A 201 -13.24 9.98 -20.52
N ARG A 202 -13.59 10.44 -19.33
CA ARG A 202 -12.99 9.92 -18.10
C ARG A 202 -14.08 9.35 -17.21
N CYS A 203 -13.94 8.07 -16.88
CA CYS A 203 -14.90 7.36 -16.06
C CYS A 203 -14.32 7.34 -14.66
N TRP A 204 -15.08 7.93 -13.73
CA TRP A 204 -14.67 8.08 -12.32
C TRP A 204 -15.34 7.07 -11.39
N ALA A 205 -14.55 6.56 -10.43
CA ALA A 205 -15.11 5.77 -9.33
C ALA A 205 -14.54 6.40 -8.05
N LEU A 206 -15.44 6.83 -7.15
CA LEU A 206 -15.05 7.55 -5.93
C LEU A 206 -15.72 6.94 -4.71
N GLY A 207 -15.02 7.06 -3.58
CA GLY A 207 -15.60 6.70 -2.28
C GLY A 207 -15.84 5.23 -2.05
N PHE A 208 -15.08 4.38 -2.74
CA PHE A 208 -15.29 2.92 -2.63
C PHE A 208 -14.34 2.24 -1.65
N TYR A 209 -14.81 1.14 -1.09
CA TYR A 209 -14.05 0.26 -0.22
C TYR A 209 -14.64 -1.16 -0.37
N PRO A 210 -13.77 -2.20 -0.52
CA PRO A 210 -12.30 -2.17 -0.55
C PRO A 210 -11.71 -1.62 -1.84
N ALA A 211 -10.39 -1.67 -1.96
CA ALA A 211 -9.72 -1.04 -3.10
C ALA A 211 -9.89 -1.78 -4.43
N GLU A 212 -10.10 -3.08 -4.39
CA GLU A 212 -10.21 -3.88 -5.61
C GLU A 212 -11.40 -3.37 -6.43
N ILE A 213 -11.16 -3.09 -7.71
CA ILE A 213 -12.20 -2.55 -8.60
C ILE A 213 -11.76 -2.80 -10.04
N THR A 214 -12.74 -2.97 -10.93
CA THR A 214 -12.41 -3.03 -12.37
C THR A 214 -13.18 -1.93 -13.10
N LEU A 215 -12.41 -1.12 -13.83
CA LEU A 215 -12.94 -0.06 -14.70
C LEU A 215 -12.49 -0.34 -16.12
N THR A 216 -13.44 -0.46 -17.04
CA THR A 216 -13.11 -0.78 -18.43
C THR A 216 -13.97 0.02 -19.39
N TRP A 217 -13.37 0.46 -20.51
CA TRP A 217 -14.08 1.23 -21.50
C TRP A 217 -14.26 0.30 -22.66
N GLN A 218 -15.44 0.33 -23.26
CA GLN A 218 -15.73 -0.41 -24.48
C GLN A 218 -16.08 0.59 -25.57
N ARG A 219 -15.66 0.28 -26.80
CA ARG A 219 -16.07 1.04 -27.97
C ARG A 219 -16.87 0.05 -28.84
N ASP A 220 -18.13 0.36 -29.09
CA ASP A 220 -19.01 -0.56 -29.84
C ASP A 220 -19.03 -1.96 -29.20
N GLY A 221 -18.91 -1.99 -27.87
CA GLY A 221 -19.00 -3.26 -27.15
C GLY A 221 -17.70 -4.03 -27.04
N GLU A 222 -16.62 -3.48 -27.58
CA GLU A 222 -15.31 -4.13 -27.52
C GLU A 222 -14.40 -3.43 -26.52
N ASP A 223 -13.85 -4.19 -25.56
CA ASP A 223 -12.92 -3.65 -24.56
C ASP A 223 -11.74 -2.93 -25.21
N GLN A 224 -11.46 -1.73 -24.72
CA GLN A 224 -10.38 -0.88 -25.24
C GLN A 224 -9.12 -0.95 -24.41
N THR A 225 -8.72 -2.17 -24.07
CA THR A 225 -7.64 -2.40 -23.10
C THR A 225 -6.38 -1.61 -23.46
N GLN A 226 -5.94 -1.76 -24.71
CA GLN A 226 -4.71 -1.14 -25.15
C GLN A 226 -4.77 0.38 -25.26
N ASP A 227 -5.98 0.92 -25.36
CA ASP A 227 -6.17 2.35 -25.59
C ASP A 227 -6.69 3.15 -24.38
N THR A 228 -6.79 2.48 -23.24
CA THR A 228 -7.33 3.10 -22.03
C THR A 228 -6.21 3.52 -21.09
N GLU A 229 -6.24 4.77 -20.64
CA GLU A 229 -5.35 5.25 -19.59
C GLU A 229 -6.02 4.99 -18.24
N LEU A 230 -5.38 4.15 -17.42
CA LEU A 230 -5.88 3.79 -16.09
C LEU A 230 -4.92 4.32 -15.05
N VAL A 231 -5.38 5.15 -14.11
CA VAL A 231 -4.50 5.55 -13.01
C VAL A 231 -4.51 4.49 -11.92
N GLU A 232 -3.42 4.45 -11.15
CA GLU A 232 -3.35 3.57 -9.99
C GLU A 232 -4.46 3.95 -9.01
N THR A 233 -5.11 2.93 -8.45
CA THR A 233 -6.08 3.16 -7.38
C THR A 233 -5.39 3.87 -6.21
N ARG A 234 -6.03 4.94 -5.71
CA ARG A 234 -5.38 5.85 -4.77
C ARG A 234 -6.28 6.08 -3.56
N PRO A 235 -5.68 6.25 -2.38
CA PRO A 235 -6.50 6.50 -1.19
C PRO A 235 -7.01 7.94 -1.06
N ALA A 236 -8.25 8.09 -0.63
CA ALA A 236 -8.81 9.42 -0.42
C ALA A 236 -8.39 10.01 0.93
N GLY A 237 -8.04 9.15 1.88
CA GLY A 237 -7.68 9.58 3.23
C GLY A 237 -8.79 9.40 4.27
N ASP A 238 -9.95 8.93 3.83
CA ASP A 238 -11.12 8.71 4.70
C ASP A 238 -11.51 7.22 4.73
N ARG A 239 -10.53 6.38 4.40
CA ARG A 239 -10.62 4.91 4.25
C ARG A 239 -10.94 4.45 2.83
N THR A 240 -11.53 5.33 2.03
CA THR A 240 -12.01 4.92 0.70
C THR A 240 -10.95 5.18 -0.34
N PHE A 241 -11.27 4.73 -1.56
CA PHE A 241 -10.34 4.81 -2.67
C PHE A 241 -11.00 5.48 -3.84
N GLN A 242 -10.14 5.90 -4.77
CA GLN A 242 -10.56 6.55 -6.02
C GLN A 242 -9.81 5.93 -7.18
N LYS A 243 -10.46 5.95 -8.35
CA LYS A 243 -9.76 5.51 -9.58
C LYS A 243 -10.49 6.15 -10.76
N TRP A 244 -9.75 6.37 -11.85
CA TRP A 244 -10.40 6.69 -13.11
C TRP A 244 -9.75 5.96 -14.28
N ALA A 245 -10.53 5.89 -15.37
CA ALA A 245 -10.09 5.29 -16.62
C ALA A 245 -10.46 6.29 -17.72
N ALA A 246 -9.53 6.58 -18.63
CA ALA A 246 -9.80 7.55 -19.69
C ALA A 246 -9.50 7.00 -21.08
N VAL A 247 -10.32 7.44 -22.03
CA VAL A 247 -10.09 7.13 -23.46
C VAL A 247 -10.15 8.44 -24.24
N VAL A 248 -9.34 8.51 -25.28
CA VAL A 248 -9.41 9.60 -26.25
C VAL A 248 -10.31 9.12 -27.39
N VAL A 249 -11.37 9.90 -27.68
CA VAL A 249 -12.40 9.49 -28.63
C VAL A 249 -12.58 10.54 -29.74
N PRO A 250 -12.88 10.08 -30.95
CA PRO A 250 -13.20 11.05 -32.00
C PRO A 250 -14.45 11.85 -31.66
N SER A 251 -14.41 13.17 -31.84
CA SER A 251 -15.58 13.99 -31.54
C SER A 251 -16.78 13.54 -32.37
N GLY A 252 -17.92 13.40 -31.73
CA GLY A 252 -19.13 12.92 -32.38
C GLY A 252 -19.35 11.41 -32.23
N GLU A 253 -18.36 10.71 -31.66
CA GLU A 253 -18.44 9.27 -31.43
C GLU A 253 -18.58 8.93 -29.94
N GLU A 254 -18.78 9.94 -29.08
CA GLU A 254 -18.87 9.71 -27.63
C GLU A 254 -19.89 8.63 -27.26
N GLN A 255 -21.02 8.58 -27.96
CA GLN A 255 -22.09 7.63 -27.58
C GLN A 255 -21.79 6.17 -27.93
N ARG A 256 -20.70 5.94 -28.66
CA ARG A 256 -20.24 4.59 -28.97
C ARG A 256 -19.42 3.97 -27.82
N TYR A 257 -19.15 4.77 -26.79
CA TYR A 257 -18.32 4.36 -25.67
C TYR A 257 -19.14 4.11 -24.41
N THR A 258 -18.80 3.02 -23.72
CA THR A 258 -19.47 2.69 -22.47
C THR A 258 -18.41 2.31 -21.44
N CYS A 259 -18.55 2.84 -20.22
CA CYS A 259 -17.65 2.53 -19.13
C CYS A 259 -18.35 1.45 -18.28
N HIS A 260 -17.58 0.45 -17.86
CA HIS A 260 -18.12 -0.68 -17.09
C HIS A 260 -17.40 -0.76 -15.76
N VAL A 261 -18.17 -0.84 -14.68
CA VAL A 261 -17.59 -0.78 -13.35
C VAL A 261 -18.01 -2.02 -12.58
N GLN A 262 -17.04 -2.76 -12.06
CA GLN A 262 -17.29 -3.92 -11.20
C GLN A 262 -16.66 -3.68 -9.84
N HIS A 263 -17.42 -3.96 -8.80
CA HIS A 263 -16.95 -3.77 -7.42
C HIS A 263 -17.83 -4.60 -6.50
N GLU A 264 -17.22 -5.10 -5.44
CA GLU A 264 -17.89 -6.00 -4.48
C GLU A 264 -19.14 -5.38 -3.88
N GLY A 265 -19.16 -4.05 -3.75
CA GLY A 265 -20.29 -3.35 -3.13
C GLY A 265 -21.48 -3.13 -4.06
N LEU A 266 -21.30 -3.47 -5.34
CA LEU A 266 -22.37 -3.33 -6.33
C LEU A 266 -23.13 -4.67 -6.47
N PRO A 267 -24.48 -4.64 -6.48
CA PRO A 267 -25.28 -5.86 -6.76
C PRO A 267 -25.01 -6.42 -8.15
N LYS A 268 -24.81 -5.55 -9.12
CA LYS A 268 -24.43 -5.96 -10.46
C LYS A 268 -23.50 -4.91 -11.08
N PRO A 269 -22.73 -5.31 -12.11
CA PRO A 269 -21.82 -4.33 -12.74
C PRO A 269 -22.61 -3.17 -13.32
N LEU A 270 -21.99 -1.98 -13.32
CA LEU A 270 -22.62 -0.77 -13.86
C LEU A 270 -22.09 -0.51 -15.25
N THR A 271 -22.98 0.04 -16.08
CA THR A 271 -22.62 0.53 -17.39
C THR A 271 -22.96 2.03 -17.41
N LEU A 272 -21.98 2.86 -17.79
CA LEU A 272 -22.15 4.32 -17.86
C LEU A 272 -21.85 4.81 -19.25
N ARG A 273 -22.49 5.90 -19.65
CA ARG A 273 -22.12 6.59 -20.86
C ARG A 273 -22.12 8.08 -20.55
N TRP A 274 -21.55 8.87 -21.45
CA TRP A 274 -21.48 10.30 -21.16
C TRP A 274 -22.82 10.96 -21.47
N ILE B 1 17.09 -0.46 -11.86
CA ILE B 1 17.31 -1.17 -10.55
C ILE B 1 16.53 -0.49 -9.42
N GLN B 2 16.87 0.77 -9.15
CA GLN B 2 16.07 1.64 -8.28
C GLN B 2 14.83 2.08 -9.07
N ARG B 3 13.75 2.39 -8.35
CA ARG B 3 12.49 2.73 -9.00
C ARG B 3 12.00 4.14 -8.63
N THR B 4 11.67 4.91 -9.66
CA THR B 4 11.29 6.30 -9.46
C THR B 4 9.81 6.41 -9.05
N PRO B 5 9.47 7.38 -8.18
CA PRO B 5 8.08 7.51 -7.75
C PRO B 5 7.11 7.96 -8.83
N LYS B 6 5.94 7.33 -8.79
CA LYS B 6 4.76 7.81 -9.50
C LYS B 6 4.11 8.82 -8.57
N ILE B 7 3.48 9.86 -9.14
CA ILE B 7 2.92 10.94 -8.33
C ILE B 7 1.52 11.30 -8.82
N GLN B 8 0.54 11.23 -7.89
CA GLN B 8 -0.78 11.78 -8.13
C GLN B 8 -1.11 12.87 -7.11
N VAL B 9 -1.60 14.00 -7.59
CA VAL B 9 -2.05 15.11 -6.77
C VAL B 9 -3.55 15.32 -7.00
N TYR B 10 -4.32 15.36 -5.91
CA TYR B 10 -5.78 15.31 -6.01
C TYR B 10 -6.43 15.66 -4.69
N SER B 11 -7.75 15.79 -4.69
CA SER B 11 -8.45 16.15 -3.47
C SER B 11 -9.28 14.99 -2.96
N ARG B 12 -9.54 14.99 -1.65
CA ARG B 12 -10.34 13.94 -1.03
C ARG B 12 -11.76 13.93 -1.57
N HIS B 13 -12.35 15.13 -1.68
CA HIS B 13 -13.69 15.31 -2.22
C HIS B 13 -13.58 16.15 -3.50
N PRO B 14 -14.56 16.04 -4.42
CA PRO B 14 -14.57 16.95 -5.58
C PRO B 14 -14.47 18.39 -5.12
N ALA B 15 -13.61 19.17 -5.78
CA ALA B 15 -13.32 20.55 -5.34
C ALA B 15 -14.50 21.49 -5.58
N GLU B 16 -14.82 22.26 -4.55
CA GLU B 16 -15.76 23.37 -4.62
C GLU B 16 -15.02 24.57 -4.06
N ASN B 17 -14.85 25.61 -4.88
CA ASN B 17 -14.18 26.82 -4.43
C ASN B 17 -14.83 27.37 -3.16
N GLY B 18 -14.00 27.70 -2.17
CA GLY B 18 -14.47 28.19 -0.88
C GLY B 18 -14.93 27.13 0.12
N LYS B 19 -14.85 25.85 -0.26
CA LYS B 19 -15.26 24.77 0.64
C LYS B 19 -14.03 23.97 1.09
N SER B 20 -13.92 23.76 2.41
CA SER B 20 -12.78 23.05 3.00
C SER B 20 -12.71 21.62 2.50
N ASN B 21 -11.48 21.17 2.24
CA ASN B 21 -11.23 19.89 1.59
C ASN B 21 -9.86 19.37 2.10
N PHE B 22 -9.38 18.25 1.55
CA PHE B 22 -8.02 17.79 1.80
C PHE B 22 -7.30 17.67 0.47
N LEU B 23 -6.08 18.21 0.42
CA LEU B 23 -5.19 18.05 -0.71
C LEU B 23 -4.28 16.86 -0.44
N ASN B 24 -4.27 15.93 -1.39
CA ASN B 24 -3.49 14.69 -1.29
C ASN B 24 -2.39 14.65 -2.34
N CYS B 25 -1.23 14.17 -1.93
CA CYS B 25 -0.19 13.79 -2.86
C CYS B 25 0.17 12.35 -2.54
N TYR B 26 -0.15 11.47 -3.47
CA TYR B 26 0.10 10.05 -3.34
C TYR B 26 1.33 9.66 -4.14
N VAL B 27 2.35 9.20 -3.44
CA VAL B 27 3.59 8.77 -4.08
C VAL B 27 3.69 7.26 -4.00
N SER B 28 3.97 6.59 -5.11
CA SER B 28 3.96 5.12 -5.11
C SER B 28 4.96 4.56 -6.13
N GLY B 29 5.20 3.25 -6.05
CA GLY B 29 6.06 2.57 -7.02
C GLY B 29 7.56 2.84 -6.89
N PHE B 30 7.97 3.44 -5.78
CA PHE B 30 9.37 3.84 -5.61
C PHE B 30 10.18 2.88 -4.75
N HIS B 31 11.48 2.87 -4.98
CA HIS B 31 12.41 2.07 -4.17
C HIS B 31 13.80 2.67 -4.43
N PRO B 32 14.60 2.93 -3.37
CA PRO B 32 14.36 2.70 -1.94
C PRO B 32 13.34 3.65 -1.29
N SER B 33 13.18 3.56 0.04
CA SER B 33 12.06 4.17 0.73
C SER B 33 12.24 5.64 1.10
N ASP B 34 13.48 6.11 1.14
CA ASP B 34 13.71 7.52 1.50
C ASP B 34 13.17 8.44 0.41
N ILE B 35 12.36 9.41 0.83
CA ILE B 35 11.67 10.29 -0.11
C ILE B 35 11.34 11.61 0.59
N GLU B 36 11.45 12.70 -0.16
CA GLU B 36 11.12 14.03 0.35
C GLU B 36 9.90 14.52 -0.41
N VAL B 37 8.84 14.87 0.31
CA VAL B 37 7.61 15.39 -0.30
C VAL B 37 7.18 16.68 0.38
N ASP B 38 6.97 17.73 -0.43
CA ASP B 38 6.41 18.99 0.05
C ASP B 38 5.10 19.27 -0.68
N LEU B 39 4.12 19.83 0.03
CA LEU B 39 2.94 20.39 -0.63
C LEU B 39 3.13 21.89 -0.70
N LEU B 40 2.82 22.46 -1.86
CA LEU B 40 3.03 23.90 -2.11
C LEU B 40 1.72 24.64 -2.38
N LYS B 41 1.61 25.83 -1.80
CA LYS B 41 0.54 26.77 -2.10
C LYS B 41 1.18 28.00 -2.73
N ASN B 42 0.86 28.24 -4.01
CA ASN B 42 1.46 29.31 -4.80
C ASN B 42 2.99 29.33 -4.67
N GLY B 43 3.60 28.16 -4.88
CA GLY B 43 5.05 27.99 -4.86
C GLY B 43 5.69 27.86 -3.49
N GLU B 44 4.93 28.11 -2.42
CA GLU B 44 5.51 28.08 -1.08
C GLU B 44 5.08 26.87 -0.25
N ARG B 45 5.99 26.38 0.58
CA ARG B 45 5.78 25.16 1.37
C ARG B 45 4.70 25.30 2.43
N ILE B 46 3.71 24.40 2.37
CA ILE B 46 2.69 24.29 3.43
C ILE B 46 3.33 23.57 4.62
N GLU B 47 3.19 24.14 5.82
CA GLU B 47 3.84 23.60 7.03
C GLU B 47 3.14 22.38 7.62
N LYS B 48 1.82 22.43 7.69
CA LYS B 48 1.06 21.39 8.37
C LYS B 48 0.71 20.31 7.36
N VAL B 49 1.68 19.43 7.10
CA VAL B 49 1.46 18.30 6.19
C VAL B 49 1.72 17.00 6.94
N GLU B 50 0.74 16.09 6.87
CA GLU B 50 0.85 14.80 7.53
C GLU B 50 1.07 13.73 6.48
N HIS B 51 1.53 12.56 6.89
CA HIS B 51 1.65 11.43 5.96
C HIS B 51 1.33 10.09 6.60
N SER B 52 1.01 9.13 5.74
CA SER B 52 0.71 7.78 6.17
C SER B 52 1.98 7.03 6.61
N ASP B 53 1.78 5.89 7.26
CA ASP B 53 2.88 5.03 7.69
C ASP B 53 3.44 4.26 6.49
N LEU B 54 4.76 4.13 6.41
CA LEU B 54 5.38 3.46 5.27
C LEU B 54 4.84 2.04 5.07
N SER B 55 4.36 1.80 3.84
CA SER B 55 3.80 0.50 3.47
C SER B 55 4.32 0.20 2.08
N PHE B 56 4.09 -1.01 1.60
CA PHE B 56 4.52 -1.37 0.25
C PHE B 56 3.56 -2.29 -0.47
N SER B 57 3.69 -2.32 -1.81
CA SER B 57 2.86 -3.12 -2.68
C SER B 57 3.42 -4.53 -2.88
N LYS B 58 2.67 -5.38 -3.59
CA LYS B 58 3.10 -6.76 -3.83
C LYS B 58 4.44 -6.88 -4.58
N ASP B 59 4.80 -5.85 -5.33
CA ASP B 59 6.08 -5.81 -6.05
C ASP B 59 7.21 -5.17 -5.23
N TRP B 60 6.95 -4.96 -3.94
CA TRP B 60 7.92 -4.41 -2.97
C TRP B 60 8.15 -2.89 -3.06
N SER B 61 7.55 -2.25 -4.06
CA SER B 61 7.67 -0.81 -4.12
C SER B 61 6.85 -0.11 -3.03
N PHE B 62 7.37 1.01 -2.54
CA PHE B 62 6.74 1.71 -1.42
C PHE B 62 5.64 2.65 -1.86
N TYR B 63 4.74 2.98 -0.94
CA TYR B 63 3.77 4.04 -1.18
C TYR B 63 3.49 4.84 0.10
N LEU B 64 3.20 6.12 -0.11
CA LEU B 64 2.90 7.06 0.98
C LEU B 64 1.86 8.04 0.50
N LEU B 65 0.94 8.38 1.40
CA LEU B 65 0.02 9.48 1.17
C LEU B 65 0.42 10.68 2.03
N TYR B 66 0.66 11.83 1.41
CA TYR B 66 0.87 13.11 2.09
C TYR B 66 -0.40 13.96 1.94
N TYR B 67 -0.84 14.63 3.00
CA TYR B 67 -2.11 15.34 2.93
C TYR B 67 -2.16 16.55 3.85
N THR B 68 -2.98 17.52 3.47
CA THR B 68 -3.18 18.74 4.27
C THR B 68 -4.57 19.27 4.03
N GLU B 69 -5.18 19.91 5.03
CA GLU B 69 -6.48 20.55 4.80
C GLU B 69 -6.25 21.77 3.95
N PHE B 70 -7.16 22.01 3.02
CA PHE B 70 -7.10 23.21 2.20
C PHE B 70 -8.50 23.63 1.77
N THR B 71 -8.64 24.90 1.39
CA THR B 71 -9.89 25.41 0.88
C THR B 71 -9.54 25.94 -0.50
N PRO B 72 -9.89 25.18 -1.57
CA PRO B 72 -9.54 25.61 -2.92
C PRO B 72 -10.28 26.89 -3.34
N THR B 73 -9.65 27.64 -4.24
CA THR B 73 -10.21 28.86 -4.80
C THR B 73 -9.94 28.85 -6.31
N GLU B 74 -10.44 29.87 -7.00
CA GLU B 74 -10.24 29.98 -8.44
C GLU B 74 -8.75 30.17 -8.82
N LYS B 75 -8.06 31.04 -8.09
CA LYS B 75 -6.70 31.47 -8.49
C LYS B 75 -5.53 30.79 -7.77
N ASP B 76 -5.75 30.28 -6.56
CA ASP B 76 -4.68 29.62 -5.81
C ASP B 76 -4.20 28.34 -6.51
N GLU B 77 -2.88 28.21 -6.62
CA GLU B 77 -2.24 27.08 -7.27
C GLU B 77 -1.65 26.16 -6.22
N TYR B 78 -1.92 24.87 -6.37
CA TYR B 78 -1.35 23.86 -5.47
C TYR B 78 -0.52 22.85 -6.23
N ALA B 79 0.50 22.33 -5.57
CA ALA B 79 1.44 21.42 -6.19
C ALA B 79 2.04 20.49 -5.16
N CYS B 80 2.60 19.40 -5.64
CA CYS B 80 3.37 18.49 -4.83
C CYS B 80 4.81 18.45 -5.38
N ARG B 81 5.80 18.63 -4.51
CA ARG B 81 7.21 18.62 -4.91
C ARG B 81 7.88 17.42 -4.26
N VAL B 82 8.49 16.58 -5.09
CA VAL B 82 9.00 15.27 -4.67
C VAL B 82 10.45 15.14 -5.06
N ASN B 83 11.26 14.69 -4.10
CA ASN B 83 12.64 14.30 -4.37
C ASN B 83 12.94 12.88 -3.89
N HIS B 84 13.80 12.21 -4.66
CA HIS B 84 14.12 10.80 -4.47
C HIS B 84 15.47 10.57 -5.13
N VAL B 85 16.21 9.53 -4.73
CA VAL B 85 17.51 9.23 -5.37
C VAL B 85 17.47 9.14 -6.89
N THR B 86 16.35 8.65 -7.44
CA THR B 86 16.23 8.44 -8.88
C THR B 86 16.05 9.73 -9.66
N LEU B 87 15.91 10.84 -8.94
CA LEU B 87 15.63 12.14 -9.57
C LEU B 87 16.83 13.09 -9.48
N SER B 88 17.22 13.66 -10.61
CA SER B 88 18.34 14.63 -10.66
C SER B 88 17.99 15.95 -9.97
N GLN B 89 16.71 16.33 -10.02
CA GLN B 89 16.20 17.49 -9.32
C GLN B 89 14.76 17.20 -8.86
N PRO B 90 14.26 17.93 -7.86
CA PRO B 90 12.87 17.73 -7.42
C PRO B 90 11.84 17.79 -8.56
N LYS B 91 10.88 16.87 -8.54
CA LYS B 91 9.81 16.86 -9.54
C LYS B 91 8.58 17.57 -8.96
N ILE B 92 8.02 18.51 -9.73
CA ILE B 92 6.87 19.28 -9.25
C ILE B 92 5.64 18.93 -10.09
N VAL B 93 4.59 18.45 -9.43
CA VAL B 93 3.35 18.09 -10.13
C VAL B 93 2.25 19.00 -9.62
N LYS B 94 1.65 19.77 -10.54
CA LYS B 94 0.57 20.69 -10.18
C LYS B 94 -0.74 19.96 -9.99
N TRP B 95 -1.54 20.42 -9.03
CA TRP B 95 -2.88 19.90 -8.83
C TRP B 95 -3.80 20.34 -9.96
N ASP B 96 -4.41 19.36 -10.64
CA ASP B 96 -5.46 19.59 -11.63
C ASP B 96 -6.74 19.01 -11.04
N ARG B 97 -7.74 19.85 -10.80
CA ARG B 97 -8.96 19.41 -10.14
C ARG B 97 -9.79 18.39 -10.93
N ASP B 98 -9.42 18.16 -12.19
CA ASP B 98 -10.11 17.19 -13.05
C ASP B 98 -9.36 15.86 -13.20
N MET B 99 -8.36 15.62 -12.36
CA MET B 99 -7.62 14.38 -12.46
C MET B 99 -7.31 13.70 -11.13
N LYS C 1 -2.82 -10.07 15.33
CA LYS C 1 -1.63 -10.34 16.20
C LYS C 1 -0.45 -10.85 15.39
N ALA C 2 0.72 -10.23 15.61
CA ALA C 2 1.92 -10.56 14.83
C ALA C 2 2.47 -11.94 15.17
N PHE C 3 3.15 -12.56 14.19
CA PHE C 3 3.86 -13.82 14.38
C PHE C 3 4.94 -13.62 15.44
N ASN C 4 4.99 -14.52 16.43
CA ASN C 4 5.91 -14.37 17.57
C ASN C 4 6.60 -15.70 17.90
N PRO C 5 7.55 -16.14 17.04
CA PRO C 5 8.23 -17.42 17.25
C PRO C 5 9.16 -17.37 18.45
N GLU C 6 9.45 -18.51 19.06
CA GLU C 6 10.39 -18.56 20.20
C GLU C 6 11.76 -18.05 19.73
N ILE C 7 12.25 -18.63 18.63
CA ILE C 7 13.43 -18.12 17.93
C ILE C 7 12.99 -17.50 16.60
N ILE C 8 13.20 -16.19 16.46
CA ILE C 8 12.86 -15.48 15.25
C ILE C 8 13.87 -15.83 14.16
N PRO C 9 13.38 -16.32 12.99
CA PRO C 9 14.27 -16.86 11.94
C PRO C 9 15.34 -15.87 11.45
N MET C 10 16.58 -16.33 11.49
CA MET C 10 17.70 -15.57 10.97
C MET C 10 18.10 -16.07 9.59
N PHE C 11 18.51 -15.14 8.73
CA PHE C 11 18.97 -15.45 7.39
C PHE C 11 20.17 -16.39 7.42
#